data_8DGY
#
_entry.id   8DGY
#
_cell.length_a   101.605
_cell.length_b   57.953
_cell.length_c   49.802
_cell.angle_alpha   90.000
_cell.angle_beta   112.320
_cell.angle_gamma   90.000
#
_symmetry.space_group_name_H-M   'C 1 2 1'
#
loop_
_entity.id
_entity.type
_entity.pdbx_description
1 polymer '3C-like proteinase'
2 non-polymer '[(1~{R},2~{R})-2-(cyclohexylmethyl)cyclopropyl]methyl ~{N}-[(2~{S})-1-[[(1~{S},2~{S})-1-[bis(oxidanyl)-oxidanylidene-$l^{5}-sulfanyl]-1-oxidanyl-3-[(3~{S})-2-oxidanylidenepyrrolidin-3-yl]propan-2-yl]amino]-4-methyl-1-oxidanylidene-pentan-2-yl]carbamate'
3 non-polymer '[(1~{R},2~{R})-2-(cyclohexylmethyl)cyclopropyl]methyl ~{N}-[(2~{S})-1-[[(1~{R},2~{S})-1-[bis(oxidanyl)-oxidanylidene-$l^{5}-sulfanyl]-1-oxidanyl-3-[(3~{S})-2-oxidanylidenepyrrolidin-3-yl]propan-2-yl]amino]-4-methyl-1-oxidanylidene-pentan-2-yl]carbamate'
4 water water
#
_entity_poly.entity_id   1
_entity_poly.type   'polypeptide(L)'
_entity_poly.pdbx_seq_one_letter_code
;MHHHHHHSGLVKMSHPSGDVEACMVQVTCGSMTLNGLWLDNTVWCPRHVMCPADQLSDPNYDALLISMTNHSFSVQKHIG
APANLRVVGHAMQGTLLKLTVDVANPSTPAYTFTTVKPGAAFSVLACYNGRPTGTFTVVMRPNYTIKGSFLCGSCGSVGY
TKEGSVINFCYMHQMELANGTHTGSAFDGTMYGAFMDKQVHQVQLTDKYCSVNVVAWLYAAILNGCAWFVKPNRTSVVSF
NEWALANQFTEFVGTQSVDMLAVKTGVAIEQLLYAIQQLYTGFQGKQILGSTMLEDEFTPEDVNMQIMGVVMQ
;
_entity_poly.pdbx_strand_id   A
#
# COMPACT_ATOMS: atom_id res chain seq x y z
N HIS A 6 6.69 -19.19 -21.84
CA HIS A 6 5.52 -19.46 -20.96
C HIS A 6 5.21 -18.21 -20.16
N HIS A 7 3.93 -17.98 -19.93
CA HIS A 7 3.45 -16.92 -19.06
C HIS A 7 2.94 -17.55 -17.78
N SER A 8 3.29 -16.94 -16.62
CA SER A 8 2.99 -17.54 -15.32
C SER A 8 1.51 -17.47 -14.96
N GLY A 9 0.74 -16.62 -15.62
CA GLY A 9 -0.61 -16.35 -15.19
C GLY A 9 -0.72 -15.30 -14.12
N LEU A 10 0.38 -14.66 -13.76
CA LEU A 10 0.39 -13.62 -12.74
C LEU A 10 0.39 -12.24 -13.39
N VAL A 11 -0.50 -11.38 -12.91
CA VAL A 11 -0.50 -9.97 -13.26
C VAL A 11 -0.64 -9.17 -11.97
N LYS A 12 -0.37 -7.88 -12.06
CA LYS A 12 -0.67 -7.00 -10.93
C LYS A 12 -2.17 -6.72 -10.96
N MET A 13 -2.90 -7.34 -10.04
CA MET A 13 -4.35 -7.33 -10.04
C MET A 13 -4.86 -6.42 -8.93
N SER A 14 -5.67 -5.43 -9.30
CA SER A 14 -6.30 -4.55 -8.34
C SER A 14 -7.75 -4.98 -8.13
N HIS A 15 -8.35 -4.54 -7.02
CA HIS A 15 -9.78 -4.75 -6.89
C HIS A 15 -10.50 -3.88 -7.91
N PRO A 16 -11.72 -4.26 -8.29
CA PRO A 16 -12.53 -3.30 -9.07
C PRO A 16 -12.75 -2.06 -8.21
N SER A 17 -12.69 -0.89 -8.85
CA SER A 17 -12.62 0.35 -8.08
C SER A 17 -13.94 1.07 -7.92
N GLY A 18 -15.03 0.57 -8.48
CA GLY A 18 -16.25 1.37 -8.56
C GLY A 18 -16.76 1.83 -7.21
N ASP A 19 -16.75 0.94 -6.22
CA ASP A 19 -17.30 1.28 -4.91
C ASP A 19 -16.52 2.42 -4.27
N VAL A 20 -15.21 2.48 -4.51
CA VAL A 20 -14.39 3.56 -3.93
C VAL A 20 -14.50 4.83 -4.77
N GLU A 21 -14.61 4.70 -6.09
CA GLU A 21 -14.82 5.88 -6.93
C GLU A 21 -16.00 6.71 -6.45
N ALA A 22 -17.07 6.05 -6.03
CA ALA A 22 -18.26 6.74 -5.55
C ALA A 22 -18.06 7.47 -4.22
N CYS A 23 -16.89 7.35 -3.59
CA CYS A 23 -16.59 8.00 -2.33
C CYS A 23 -15.60 9.16 -2.47
N MET A 24 -15.09 9.44 -3.67
CA MET A 24 -14.05 10.44 -3.81
C MET A 24 -14.66 11.82 -4.03
N VAL A 25 -14.06 12.82 -3.37
CA VAL A 25 -14.46 14.21 -3.51
C VAL A 25 -13.20 15.07 -3.62
N GLN A 26 -13.40 16.34 -3.96
CA GLN A 26 -12.35 17.35 -3.99
C GLN A 26 -12.50 18.18 -2.74
N VAL A 27 -11.37 18.47 -2.09
CA VAL A 27 -11.32 19.37 -0.94
C VAL A 27 -10.38 20.51 -1.26
N THR A 28 -10.84 21.76 -1.02
CA THR A 28 -10.02 22.93 -1.26
C THR A 28 -10.05 23.82 -0.03
N CYS A 29 -8.91 24.44 0.27
CA CYS A 29 -8.79 25.48 1.27
C CYS A 29 -8.42 26.84 0.68
N GLY A 30 -8.24 26.95 -0.63
CA GLY A 30 -7.81 28.19 -1.28
C GLY A 30 -6.34 28.19 -1.67
N SER A 31 -5.50 27.45 -0.94
CA SER A 31 -4.13 27.24 -1.37
C SER A 31 -4.09 25.97 -2.20
N MET A 32 -4.12 24.83 -1.53
CA MET A 32 -4.07 23.53 -2.18
C MET A 32 -5.47 23.02 -2.48
N THR A 33 -5.55 22.23 -3.52
CA THR A 33 -6.70 21.37 -3.77
C THR A 33 -6.19 19.96 -3.67
N LEU A 34 -6.90 19.10 -2.95
CA LEU A 34 -6.56 17.69 -3.03
C LEU A 34 -7.83 16.87 -2.94
N ASN A 35 -7.68 15.56 -2.77
CA ASN A 35 -8.82 14.67 -2.76
C ASN A 35 -9.22 14.32 -1.34
N GLY A 36 -10.50 13.98 -1.16
CA GLY A 36 -10.98 13.46 0.10
C GLY A 36 -11.80 12.20 -0.12
N LEU A 37 -12.05 11.49 0.99
CA LEU A 37 -12.82 10.26 1.02
C LEU A 37 -14.07 10.50 1.86
N TRP A 38 -15.23 10.40 1.20
CA TRP A 38 -16.53 10.72 1.79
C TRP A 38 -17.23 9.42 2.17
N LEU A 39 -17.33 9.17 3.48
CA LEU A 39 -17.99 7.99 4.02
C LEU A 39 -19.00 8.47 5.06
N ASP A 40 -20.25 8.04 4.94
CA ASP A 40 -21.26 8.46 5.92
C ASP A 40 -21.24 9.99 5.89
N ASN A 41 -21.17 10.68 7.03
CA ASN A 41 -21.15 12.14 7.06
C ASN A 41 -19.76 12.72 7.23
N THR A 42 -18.72 11.96 6.91
CA THR A 42 -17.35 12.36 7.18
C THR A 42 -16.57 12.38 5.87
N VAL A 43 -15.76 13.42 5.70
CA VAL A 43 -14.79 13.51 4.60
C VAL A 43 -13.40 13.54 5.21
N TRP A 44 -12.60 12.55 4.87
CA TRP A 44 -11.22 12.44 5.30
C TRP A 44 -10.31 13.04 4.25
N CYS A 45 -9.32 13.83 4.69
CA CYS A 45 -8.34 14.32 3.72
C CYS A 45 -7.03 14.67 4.43
N PRO A 46 -5.93 14.75 3.70
CA PRO A 46 -4.64 15.13 4.29
C PRO A 46 -4.72 16.52 4.89
N ARG A 47 -4.11 16.68 6.06
CA ARG A 47 -4.20 17.98 6.72
C ARG A 47 -3.41 19.06 6.01
N HIS A 48 -2.50 18.71 5.10
CA HIS A 48 -1.75 19.79 4.46
C HIS A 48 -2.57 20.52 3.42
N VAL A 49 -3.85 20.17 3.29
CA VAL A 49 -4.72 21.04 2.51
C VAL A 49 -4.80 22.42 3.15
N MET A 50 -4.60 22.49 4.46
CA MET A 50 -4.68 23.76 5.18
C MET A 50 -3.46 24.64 4.96
N CYS A 51 -2.41 24.10 4.37
CA CYS A 51 -1.11 24.77 4.36
CA CYS A 51 -1.08 24.72 4.31
C CYS A 51 -0.97 25.66 3.12
N PRO A 52 -0.50 26.89 3.28
CA PRO A 52 -0.07 27.65 2.10
C PRO A 52 1.24 27.07 1.58
N ALA A 53 1.47 27.24 0.27
CA ALA A 53 2.62 26.56 -0.35
C ALA A 53 3.94 26.97 0.30
N ASP A 54 4.04 28.22 0.78
CA ASP A 54 5.29 28.69 1.36
C ASP A 54 5.64 28.01 2.68
N GLN A 55 4.73 27.21 3.24
CA GLN A 55 4.93 26.67 4.58
C GLN A 55 4.91 25.15 4.60
N LEU A 56 4.96 24.49 3.44
CA LEU A 56 4.97 23.03 3.38
C LEU A 56 6.21 22.41 3.99
N SER A 57 7.27 23.19 4.23
CA SER A 57 8.51 22.64 4.77
C SER A 57 8.55 22.61 6.30
N ASP A 58 7.76 23.41 6.99
CA ASP A 58 7.75 23.38 8.45
C ASP A 58 6.38 23.82 8.92
N PRO A 59 5.31 23.15 8.47
CA PRO A 59 3.97 23.62 8.84
C PRO A 59 3.72 23.49 10.33
N ASN A 60 3.00 24.45 10.88
CA ASN A 60 2.48 24.35 12.25
C ASN A 60 1.00 24.02 12.11
N TYR A 61 0.70 22.71 12.06
CA TYR A 61 -0.65 22.31 11.76
C TYR A 61 -1.62 22.68 12.87
N ASP A 62 -1.16 22.66 14.13
CA ASP A 62 -2.06 23.03 15.22
C ASP A 62 -2.55 24.45 15.05
N ALA A 63 -1.64 25.37 14.69
CA ALA A 63 -2.03 26.76 14.50
C ALA A 63 -2.89 26.93 13.25
N LEU A 64 -2.55 26.23 12.18
CA LEU A 64 -3.40 26.28 10.99
C LEU A 64 -4.82 25.83 11.34
N LEU A 65 -4.94 24.72 12.08
CA LEU A 65 -6.27 24.19 12.41
C LEU A 65 -7.08 25.23 13.16
N ILE A 66 -6.46 25.86 14.15
CA ILE A 66 -7.16 26.86 14.96
C ILE A 66 -7.69 27.98 14.08
N SER A 67 -6.91 28.36 13.06
CA SER A 67 -7.25 29.45 12.16
C SER A 67 -8.37 29.12 11.20
N MET A 68 -8.75 27.86 11.06
CA MET A 68 -9.83 27.52 10.15
C MET A 68 -11.18 27.59 10.88
N THR A 69 -12.23 27.82 10.09
CA THR A 69 -13.61 27.62 10.47
C THR A 69 -14.24 26.62 9.49
N ASN A 70 -15.52 26.28 9.71
CA ASN A 70 -16.15 25.31 8.83
C ASN A 70 -16.12 25.78 7.38
N HIS A 71 -16.41 27.05 7.14
CA HIS A 71 -16.46 27.46 5.74
C HIS A 71 -15.07 27.74 5.15
N SER A 72 -13.99 27.48 5.90
CA SER A 72 -12.65 27.48 5.30
C SER A 72 -12.45 26.34 4.30
N PHE A 73 -13.31 25.34 4.32
CA PHE A 73 -13.17 24.11 3.53
C PHE A 73 -14.26 24.06 2.48
N SER A 74 -13.88 23.80 1.24
CA SER A 74 -14.81 23.64 0.15
C SER A 74 -14.73 22.19 -0.29
N VAL A 75 -15.83 21.46 -0.17
CA VAL A 75 -15.89 20.04 -0.57
C VAL A 75 -16.86 19.89 -1.75
N GLN A 76 -16.38 19.30 -2.84
CA GLN A 76 -17.18 19.13 -4.04
C GLN A 76 -17.06 17.70 -4.54
N LYS A 77 -18.19 17.10 -4.88
CA LYS A 77 -18.24 15.83 -5.61
C LYS A 77 -18.49 16.09 -7.09
N HIS A 78 -17.80 15.34 -7.95
CA HIS A 78 -17.87 15.56 -9.39
C HIS A 78 -18.63 14.47 -10.17
N ALA A 83 -21.78 17.98 -6.87
CA ALA A 83 -22.37 18.54 -5.66
C ALA A 83 -21.37 19.36 -4.85
N ASN A 84 -21.87 20.35 -4.11
CA ASN A 84 -21.12 20.99 -3.04
C ASN A 84 -21.61 20.41 -1.73
N LEU A 85 -20.68 19.96 -0.89
CA LEU A 85 -21.01 19.38 0.40
C LEU A 85 -20.73 20.39 1.50
N ARG A 86 -21.77 20.78 2.23
CA ARG A 86 -21.60 21.80 3.26
C ARG A 86 -20.88 21.21 4.47
N VAL A 87 -19.75 21.81 4.85
CA VAL A 87 -18.98 21.39 6.01
C VAL A 87 -19.58 22.01 7.25
N VAL A 88 -19.90 21.18 8.24
CA VAL A 88 -20.54 21.58 9.49
C VAL A 88 -19.73 21.18 10.71
N GLY A 89 -18.54 20.64 10.51
CA GLY A 89 -17.62 20.37 11.60
C GLY A 89 -16.26 20.04 11.04
N HIS A 90 -15.20 20.31 11.78
CA HIS A 90 -13.87 19.92 11.35
C HIS A 90 -13.02 19.55 12.56
N ALA A 91 -12.14 18.58 12.35
CA ALA A 91 -11.25 18.11 13.39
C ALA A 91 -10.01 17.55 12.72
N MET A 92 -8.95 17.42 13.51
CA MET A 92 -7.70 16.87 13.04
C MET A 92 -7.41 15.59 13.81
N GLN A 93 -7.05 14.54 13.08
CA GLN A 93 -6.56 13.33 13.73
C GLN A 93 -5.23 12.96 13.09
N GLY A 94 -4.14 13.21 13.82
CA GLY A 94 -2.82 12.92 13.30
C GLY A 94 -2.62 13.77 12.07
N THR A 95 -2.27 13.11 10.96
CA THR A 95 -1.99 13.78 9.70
C THR A 95 -3.20 13.90 8.81
N LEU A 96 -4.39 13.62 9.34
CA LEU A 96 -5.61 13.72 8.57
C LEU A 96 -6.57 14.72 9.19
N LEU A 97 -7.37 15.32 8.33
CA LEU A 97 -8.53 16.05 8.77
C LEU A 97 -9.77 15.18 8.61
N LYS A 98 -10.69 15.37 9.56
CA LYS A 98 -12.01 14.75 9.54
C LYS A 98 -13.02 15.89 9.41
N LEU A 99 -13.58 16.05 8.23
CA LEU A 99 -14.60 17.06 7.99
C LEU A 99 -15.96 16.42 8.11
N THR A 100 -16.83 17.03 8.90
CA THR A 100 -18.18 16.54 9.00
C THR A 100 -19.01 17.33 8.00
N VAL A 101 -19.80 16.63 7.18
CA VAL A 101 -20.62 17.27 6.16
C VAL A 101 -22.10 16.98 6.46
N ASP A 102 -22.96 17.81 5.89
CA ASP A 102 -24.38 17.77 6.23
C ASP A 102 -25.13 16.67 5.49
N VAL A 103 -24.49 15.98 4.55
CA VAL A 103 -25.14 14.95 3.74
C VAL A 103 -24.34 13.68 3.89
N ALA A 104 -25.01 12.59 4.21
CA ALA A 104 -24.38 11.28 4.23
C ALA A 104 -24.23 10.76 2.81
N ASN A 105 -23.05 10.22 2.50
CA ASN A 105 -22.82 9.66 1.17
C ASN A 105 -23.79 8.51 0.93
N PRO A 106 -24.74 8.65 0.00
CA PRO A 106 -25.70 7.56 -0.22
C PRO A 106 -25.07 6.33 -0.86
N SER A 107 -23.83 6.42 -1.31
CA SER A 107 -23.11 5.30 -1.88
C SER A 107 -22.02 4.80 -0.94
N THR A 108 -22.12 5.09 0.35
CA THR A 108 -21.16 4.59 1.31
C THR A 108 -21.16 3.06 1.28
N PRO A 109 -20.05 2.42 0.97
CA PRO A 109 -19.97 0.96 1.05
C PRO A 109 -19.83 0.49 2.48
N ALA A 110 -19.98 -0.82 2.69
CA ALA A 110 -19.55 -1.40 3.95
C ALA A 110 -18.03 -1.25 4.04
N TYR A 111 -17.54 -0.79 5.18
CA TYR A 111 -16.10 -0.51 5.25
C TYR A 111 -15.58 -0.62 6.66
N THR A 112 -14.26 -0.78 6.74
CA THR A 112 -13.48 -0.70 7.97
C THR A 112 -12.22 0.09 7.67
N PHE A 113 -11.53 0.46 8.73
CA PHE A 113 -10.19 1.03 8.61
C PHE A 113 -9.20 0.03 9.19
N THR A 114 -8.15 -0.25 8.44
CA THR A 114 -7.08 -1.12 8.92
C THR A 114 -5.73 -0.56 8.52
N THR A 115 -4.69 -1.02 9.19
CA THR A 115 -3.33 -0.74 8.78
C THR A 115 -2.79 -1.92 7.98
N VAL A 116 -2.07 -1.65 6.92
CA VAL A 116 -1.44 -2.70 6.13
C VAL A 116 -0.03 -2.90 6.65
N LYS A 117 0.47 -4.13 6.55
CA LYS A 117 1.79 -4.48 7.05
C LYS A 117 2.74 -4.71 5.88
N PRO A 118 4.04 -4.57 6.12
CA PRO A 118 5.01 -4.80 5.04
C PRO A 118 4.85 -6.16 4.40
N GLY A 119 4.94 -6.14 3.06
CA GLY A 119 4.76 -7.30 2.22
C GLY A 119 3.34 -7.50 1.73
N ALA A 120 2.37 -6.89 2.40
CA ALA A 120 0.97 -7.06 2.00
C ALA A 120 0.63 -6.12 0.85
N ALA A 121 -0.24 -6.60 -0.02
CA ALA A 121 -0.67 -5.83 -1.17
C ALA A 121 -1.96 -5.08 -0.90
N PHE A 122 -2.11 -3.94 -1.58
CA PHE A 122 -3.38 -3.26 -1.56
C PHE A 122 -3.57 -2.52 -2.89
N SER A 123 -4.80 -2.16 -3.16
CA SER A 123 -5.20 -1.41 -4.35
C SER A 123 -5.24 0.09 -4.06
N VAL A 124 -4.81 0.88 -5.04
CA VAL A 124 -4.80 2.33 -4.93
C VAL A 124 -5.69 2.88 -6.03
N LEU A 125 -6.52 3.85 -5.67
CA LEU A 125 -7.27 4.63 -6.64
C LEU A 125 -6.62 6.01 -6.68
N ALA A 126 -5.87 6.28 -7.74
CA ALA A 126 -5.22 7.57 -7.93
C ALA A 126 -6.24 8.58 -8.46
N CYS A 127 -6.32 9.71 -7.80
CA CYS A 127 -7.34 10.71 -8.09
C CYS A 127 -6.67 12.08 -8.18
N TYR A 128 -7.24 12.94 -9.01
CA TYR A 128 -6.81 14.33 -9.13
C TYR A 128 -8.06 15.20 -9.18
N ASN A 129 -8.09 16.25 -8.35
CA ASN A 129 -9.23 17.17 -8.34
C ASN A 129 -10.54 16.43 -8.10
N GLY A 130 -10.48 15.41 -7.25
CA GLY A 130 -11.65 14.63 -6.91
C GLY A 130 -12.09 13.66 -7.98
N ARG A 131 -11.31 13.50 -9.04
CA ARG A 131 -11.69 12.64 -10.14
C ARG A 131 -10.79 11.43 -10.17
N PRO A 132 -11.35 10.21 -10.09
CA PRO A 132 -10.49 9.01 -10.25
C PRO A 132 -9.88 8.95 -11.63
N THR A 133 -8.58 8.66 -11.68
CA THR A 133 -7.84 8.66 -12.93
C THR A 133 -7.18 7.32 -13.23
N GLY A 134 -6.85 6.53 -12.23
CA GLY A 134 -6.28 5.22 -12.50
C GLY A 134 -6.26 4.38 -11.26
N THR A 135 -6.05 3.09 -11.47
CA THR A 135 -5.91 2.21 -10.32
C THR A 135 -4.74 1.26 -10.54
N PHE A 136 -4.10 0.89 -9.44
CA PHE A 136 -2.92 0.05 -9.48
C PHE A 136 -2.81 -0.63 -8.13
N THR A 137 -1.93 -1.64 -8.06
CA THR A 137 -1.71 -2.36 -6.82
C THR A 137 -0.23 -2.25 -6.47
N VAL A 138 0.03 -2.22 -5.16
CA VAL A 138 1.38 -2.09 -4.63
C VAL A 138 1.45 -2.99 -3.41
N VAL A 139 2.67 -3.30 -3.01
CA VAL A 139 2.94 -3.95 -1.74
CA VAL A 139 2.96 -3.96 -1.74
C VAL A 139 3.59 -2.93 -0.82
N MET A 140 3.17 -2.92 0.44
CA MET A 140 3.82 -2.05 1.42
C MET A 140 5.26 -2.53 1.60
N ARG A 141 6.23 -1.65 1.39
CA ARG A 141 7.61 -2.07 1.49
C ARG A 141 8.01 -2.21 2.96
N PRO A 142 9.05 -3.03 3.22
CA PRO A 142 9.58 -3.13 4.59
C PRO A 142 10.00 -1.82 5.20
N ASN A 143 10.28 -0.78 4.42
CA ASN A 143 10.62 0.50 5.01
C ASN A 143 9.45 1.46 4.98
N TYR A 144 8.23 0.95 4.82
CA TYR A 144 6.98 1.72 4.94
C TYR A 144 6.82 2.78 3.89
N THR A 145 7.35 2.49 2.72
CA THR A 145 7.05 3.21 1.50
C THR A 145 6.31 2.27 0.55
N ILE A 146 5.76 2.87 -0.51
CA ILE A 146 5.23 2.11 -1.63
C ILE A 146 5.84 2.68 -2.90
N LYS A 147 5.97 1.81 -3.90
CA LYS A 147 6.46 2.19 -5.22
C LYS A 147 5.26 2.49 -6.09
N GLY A 148 4.77 3.71 -5.97
CA GLY A 148 3.54 4.11 -6.60
C GLY A 148 3.74 4.95 -7.84
N SER A 149 2.68 5.61 -8.23
CA SER A 149 2.69 6.50 -9.39
C SER A 149 1.76 7.63 -9.01
N PHE A 150 2.33 8.73 -8.53
CA PHE A 150 1.57 9.85 -8.00
C PHE A 150 2.22 11.15 -8.43
N LEU A 151 1.40 12.13 -8.81
CA LEU A 151 1.88 13.45 -9.20
C LEU A 151 1.30 14.52 -8.29
N CYS A 152 1.71 15.77 -8.52
CA CYS A 152 1.08 16.88 -7.82
C CYS A 152 -0.43 16.80 -7.98
N GLY A 153 -1.15 16.95 -6.85
CA GLY A 153 -2.59 16.90 -6.82
C GLY A 153 -3.18 15.56 -6.44
N SER A 154 -2.35 14.56 -6.24
CA SER A 154 -2.82 13.21 -5.96
C SER A 154 -3.05 12.94 -4.49
N CYS A 155 -2.68 13.85 -3.60
CA CYS A 155 -2.84 13.56 -2.18
C CYS A 155 -4.31 13.39 -1.85
N GLY A 156 -4.58 12.51 -0.91
CA GLY A 156 -5.92 12.09 -0.62
C GLY A 156 -6.36 10.89 -1.42
N SER A 157 -5.62 10.52 -2.48
CA SER A 157 -5.87 9.23 -3.13
C SER A 157 -5.82 8.13 -2.07
N VAL A 158 -6.59 7.05 -2.27
CA VAL A 158 -6.73 6.10 -1.18
C VAL A 158 -6.30 4.72 -1.60
N GLY A 159 -5.84 3.96 -0.61
CA GLY A 159 -5.51 2.56 -0.80
C GLY A 159 -6.42 1.73 0.08
N TYR A 160 -6.70 0.50 -0.38
CA TYR A 160 -7.68 -0.35 0.30
C TYR A 160 -7.50 -1.78 -0.14
N THR A 161 -7.97 -2.68 0.71
CA THR A 161 -8.22 -4.07 0.36
C THR A 161 -9.71 -4.35 0.50
N LYS A 162 -10.14 -5.53 0.07
CA LYS A 162 -11.55 -5.85 0.07
C LYS A 162 -11.68 -7.26 0.59
N GLU A 163 -12.54 -7.44 1.59
CA GLU A 163 -12.92 -8.75 2.10
C GLU A 163 -14.42 -8.88 1.85
N GLY A 164 -14.79 -9.70 0.89
CA GLY A 164 -16.19 -9.79 0.53
C GLY A 164 -16.64 -8.46 -0.04
N SER A 165 -17.77 -7.98 0.46
CA SER A 165 -18.31 -6.68 0.11
C SER A 165 -17.66 -5.54 0.88
N VAL A 166 -16.81 -5.84 1.87
CA VAL A 166 -16.33 -4.85 2.83
C VAL A 166 -14.99 -4.29 2.36
N ILE A 167 -14.93 -2.99 2.25
CA ILE A 167 -13.72 -2.29 1.83
C ILE A 167 -12.94 -1.93 3.09
N ASN A 168 -11.68 -2.37 3.17
CA ASN A 168 -10.80 -2.06 4.30
C ASN A 168 -9.85 -0.96 3.82
N PHE A 169 -10.15 0.29 4.19
CA PHE A 169 -9.30 1.40 3.79
C PHE A 169 -8.04 1.42 4.65
N CYS A 170 -6.87 1.47 4.01
CA CYS A 170 -5.61 1.35 4.73
C CYS A 170 -4.60 2.45 4.42
N TYR A 171 -4.88 3.34 3.47
CA TYR A 171 -3.82 4.25 3.02
C TYR A 171 -4.45 5.51 2.46
N MET A 172 -3.92 6.65 2.86
CA MET A 172 -4.28 7.91 2.23
C MET A 172 -3.00 8.62 1.86
N HIS A 173 -2.87 8.97 0.58
CA HIS A 173 -1.59 9.39 0.05
C HIS A 173 -1.21 10.79 0.53
N GLN A 174 0.08 10.94 0.88
CA GLN A 174 0.61 12.18 1.45
C GLN A 174 1.83 12.75 0.73
N MET A 175 2.75 11.92 0.25
CA MET A 175 4.01 12.51 -0.15
C MET A 175 4.90 11.56 -0.93
N GLU A 176 5.84 12.16 -1.65
CA GLU A 176 6.87 11.46 -2.39
C GLU A 176 8.20 11.71 -1.68
N LEU A 177 9.02 10.68 -1.63
CA LEU A 177 10.34 10.75 -1.02
C LEU A 177 11.39 11.00 -2.10
N ALA A 178 12.59 11.37 -1.65
CA ALA A 178 13.60 11.80 -2.62
C ALA A 178 13.96 10.72 -3.61
N ASN A 179 13.74 9.45 -3.28
CA ASN A 179 14.10 8.33 -4.15
C ASN A 179 12.94 7.87 -5.04
N GLY A 180 11.88 8.68 -5.12
CA GLY A 180 10.77 8.42 -6.00
C GLY A 180 9.71 7.51 -5.41
N THR A 181 9.93 6.97 -4.22
CA THR A 181 8.89 6.17 -3.59
C THR A 181 7.91 7.08 -2.86
N HIS A 182 6.85 6.48 -2.34
CA HIS A 182 5.72 7.20 -1.80
C HIS A 182 5.37 6.74 -0.40
N THR A 183 4.72 7.64 0.35
CA THR A 183 4.12 7.20 1.60
C THR A 183 2.93 8.07 1.97
N GLY A 184 2.22 7.61 2.99
CA GLY A 184 0.97 8.20 3.34
C GLY A 184 0.57 7.78 4.72
N SER A 185 -0.69 8.01 5.03
CA SER A 185 -1.17 7.74 6.37
CA SER A 185 -1.27 7.82 6.35
C SER A 185 -2.19 6.62 6.38
N ALA A 186 -2.31 6.02 7.57
CA ALA A 186 -3.43 5.18 7.89
C ALA A 186 -4.58 6.08 8.38
N PHE A 187 -5.77 5.52 8.47
CA PHE A 187 -6.92 6.34 8.80
C PHE A 187 -7.05 6.57 10.31
N ASP A 188 -6.12 6.03 11.10
CA ASP A 188 -5.93 6.53 12.47
C ASP A 188 -5.10 7.79 12.50
N GLY A 189 -4.69 8.31 11.34
CA GLY A 189 -3.96 9.54 11.28
C GLY A 189 -2.46 9.38 11.38
N THR A 190 -1.96 8.18 11.68
CA THR A 190 -0.53 7.98 11.72
C THR A 190 0.03 7.88 10.31
N MET A 191 1.21 8.44 10.11
CA MET A 191 1.96 8.13 8.89
C MET A 191 2.58 6.74 9.01
N TYR A 192 2.65 6.05 7.89
CA TYR A 192 3.41 4.80 7.85
C TYR A 192 4.87 5.10 8.11
N GLY A 193 5.52 4.22 8.87
CA GLY A 193 6.93 4.38 9.15
C GLY A 193 7.18 5.58 10.03
N ALA A 194 8.39 6.12 9.94
CA ALA A 194 8.81 7.22 10.80
C ALA A 194 8.65 8.57 10.10
N PHE A 195 7.87 8.61 9.04
CA PHE A 195 7.75 9.79 8.20
C PHE A 195 6.85 10.85 8.84
N MET A 196 7.15 12.11 8.51
CA MET A 196 6.36 13.28 8.88
C MET A 196 5.84 13.95 7.62
N ASP A 197 4.65 14.52 7.73
CA ASP A 197 4.03 15.21 6.59
C ASP A 197 4.56 16.65 6.54
N LYS A 198 5.86 16.73 6.26
CA LYS A 198 6.59 17.98 6.06
C LYS A 198 7.49 17.81 4.86
N GLN A 199 7.59 18.85 4.05
CA GLN A 199 8.34 18.77 2.80
C GLN A 199 9.80 19.17 3.07
N VAL A 200 10.51 18.25 3.70
CA VAL A 200 11.91 18.41 4.06
C VAL A 200 12.60 17.06 3.89
N HIS A 201 13.92 17.11 3.84
CA HIS A 201 14.72 15.90 3.86
C HIS A 201 14.36 15.06 5.08
N GLN A 202 14.13 13.76 4.86
CA GLN A 202 13.89 12.82 5.94
C GLN A 202 14.67 11.55 5.67
N VAL A 203 15.28 11.03 6.73
CA VAL A 203 15.99 9.76 6.59
C VAL A 203 14.98 8.71 6.14
N GLN A 204 15.42 7.86 5.23
CA GLN A 204 14.61 6.76 4.75
C GLN A 204 15.22 5.46 5.23
N LEU A 205 14.41 4.63 5.89
CA LEU A 205 14.91 3.34 6.31
C LEU A 205 15.27 2.52 5.08
N THR A 206 16.17 1.58 5.25
CA THR A 206 16.58 0.80 4.11
C THR A 206 15.49 -0.21 3.78
N ASP A 207 15.26 -0.38 2.49
CA ASP A 207 14.29 -1.36 2.06
C ASP A 207 14.93 -2.74 2.10
N LYS A 208 14.08 -3.77 2.02
CA LYS A 208 14.53 -5.14 2.10
C LYS A 208 13.67 -5.97 1.16
N TYR A 209 14.20 -7.12 0.75
CA TYR A 209 13.38 -8.10 0.04
C TYR A 209 12.37 -8.71 1.00
N CYS A 210 11.13 -8.85 0.56
CA CYS A 210 10.09 -9.48 1.38
CA CYS A 210 10.10 -9.49 1.38
C CYS A 210 10.19 -10.99 1.18
N SER A 211 10.76 -11.68 2.17
CA SER A 211 11.04 -13.11 2.02
CA SER A 211 11.04 -13.11 2.02
C SER A 211 9.77 -13.92 1.76
N VAL A 212 8.68 -13.64 2.48
CA VAL A 212 7.48 -14.44 2.28
C VAL A 212 6.99 -14.31 0.84
N ASN A 213 7.12 -13.11 0.25
CA ASN A 213 6.66 -12.92 -1.12
C ASN A 213 7.60 -13.58 -2.12
N VAL A 214 8.90 -13.59 -1.83
CA VAL A 214 9.82 -14.31 -2.70
C VAL A 214 9.49 -15.80 -2.70
N VAL A 215 9.24 -16.38 -1.53
CA VAL A 215 8.77 -17.75 -1.44
C VAL A 215 7.49 -17.94 -2.28
N ALA A 216 6.53 -17.02 -2.16
CA ALA A 216 5.31 -17.13 -2.96
C ALA A 216 5.60 -17.21 -4.45
N TRP A 217 6.54 -16.40 -4.90
CA TRP A 217 6.87 -16.33 -6.32
C TRP A 217 7.56 -17.60 -6.79
N LEU A 218 8.47 -18.14 -5.96
CA LEU A 218 9.09 -19.42 -6.30
C LEU A 218 8.05 -20.54 -6.35
N TYR A 219 7.03 -20.49 -5.48
CA TYR A 219 5.93 -21.44 -5.61
C TYR A 219 5.14 -21.22 -6.90
N ALA A 220 4.92 -19.97 -7.30
CA ALA A 220 4.24 -19.74 -8.57
C ALA A 220 5.04 -20.36 -9.71
N ALA A 221 6.36 -20.28 -9.62
CA ALA A 221 7.20 -20.88 -10.63
C ALA A 221 7.00 -22.39 -10.68
N ILE A 222 7.00 -23.05 -9.51
CA ILE A 222 6.80 -24.49 -9.49
C ILE A 222 5.45 -24.85 -10.07
N LEU A 223 4.41 -24.10 -9.69
CA LEU A 223 3.08 -24.33 -10.22
C LEU A 223 3.00 -24.16 -11.73
N ASN A 224 3.98 -23.47 -12.31
CA ASN A 224 4.05 -23.31 -13.75
C ASN A 224 4.99 -24.30 -14.41
N GLY A 225 5.51 -25.28 -13.65
CA GLY A 225 6.43 -26.26 -14.16
C GLY A 225 7.89 -25.85 -14.16
N CYS A 226 8.22 -24.78 -13.46
CA CYS A 226 9.57 -24.23 -13.42
C CYS A 226 10.14 -24.53 -12.04
N ALA A 227 10.98 -25.56 -11.91
CA ALA A 227 11.47 -25.95 -10.59
C ALA A 227 12.96 -26.32 -10.56
N TRP A 228 13.75 -25.79 -11.50
CA TRP A 228 15.16 -26.17 -11.55
C TRP A 228 15.90 -25.81 -10.26
N PHE A 229 15.41 -24.82 -9.54
CA PHE A 229 16.07 -24.29 -8.35
C PHE A 229 15.76 -25.09 -7.09
N VAL A 230 14.86 -26.06 -7.19
CA VAL A 230 14.44 -26.87 -6.04
C VAL A 230 15.40 -28.03 -5.90
N LYS A 231 15.99 -28.17 -4.72
CA LYS A 231 16.85 -29.28 -4.36
C LYS A 231 16.33 -29.92 -3.08
N PRO A 232 16.82 -31.10 -2.71
CA PRO A 232 16.46 -31.63 -1.38
C PRO A 232 17.00 -30.77 -0.24
N ASN A 233 18.03 -29.97 -0.49
CA ASN A 233 18.62 -29.13 0.55
C ASN A 233 17.56 -28.23 1.17
N ARG A 234 17.67 -28.02 2.47
CA ARG A 234 16.71 -27.25 3.25
C ARG A 234 17.45 -26.33 4.19
N THR A 235 16.83 -25.17 4.45
CA THR A 235 17.29 -24.24 5.48
C THR A 235 16.10 -24.01 6.41
N SER A 236 16.30 -24.18 7.72
CA SER A 236 15.19 -23.98 8.62
C SER A 236 14.80 -22.50 8.67
N VAL A 237 13.59 -22.24 9.13
CA VAL A 237 13.13 -20.87 9.28
C VAL A 237 14.05 -20.09 10.22
N VAL A 238 14.43 -20.69 11.35
CA VAL A 238 15.29 -19.97 12.28
C VAL A 238 16.63 -19.62 11.64
N SER A 239 17.24 -20.58 10.94
CA SER A 239 18.52 -20.31 10.29
C SER A 239 18.38 -19.30 9.16
N PHE A 240 17.32 -19.41 8.36
CA PHE A 240 17.12 -18.43 7.30
C PHE A 240 16.98 -17.04 7.86
N ASN A 241 16.23 -16.90 8.95
CA ASN A 241 16.00 -15.57 9.50
C ASN A 241 17.27 -14.95 10.05
N GLU A 242 18.17 -15.77 10.61
CA GLU A 242 19.48 -15.24 10.98
C GLU A 242 20.21 -14.72 9.76
N TRP A 243 20.22 -15.50 8.67
CA TRP A 243 20.84 -15.08 7.42
C TRP A 243 20.20 -13.81 6.90
N ALA A 244 18.86 -13.76 6.92
CA ALA A 244 18.12 -12.63 6.35
C ALA A 244 18.55 -11.32 6.98
N LEU A 245 18.75 -11.33 8.31
CA LEU A 245 19.13 -10.10 8.98
C LEU A 245 20.45 -9.56 8.48
N ALA A 246 21.32 -10.43 8.00
CA ALA A 246 22.62 -10.02 7.47
C ALA A 246 22.59 -9.73 5.98
N ASN A 247 21.45 -9.91 5.31
CA ASN A 247 21.43 -9.88 3.86
C ASN A 247 20.24 -9.09 3.28
N GLN A 248 19.66 -8.17 4.04
CA GLN A 248 18.67 -7.24 3.52
C GLN A 248 17.39 -7.97 3.09
N PHE A 249 17.08 -9.04 3.80
CA PHE A 249 15.82 -9.77 3.66
C PHE A 249 15.01 -9.63 4.94
N THR A 250 13.70 -9.54 4.79
CA THR A 250 12.83 -9.62 5.94
C THR A 250 12.93 -11.02 6.53
N GLU A 251 12.70 -11.11 7.83
CA GLU A 251 12.53 -12.42 8.42
C GLU A 251 11.26 -13.06 7.91
N PHE A 252 11.33 -14.36 7.68
CA PHE A 252 10.20 -15.13 7.16
C PHE A 252 9.27 -15.56 8.28
N VAL A 253 7.97 -15.35 8.07
CA VAL A 253 6.91 -15.80 8.96
C VAL A 253 5.87 -16.53 8.11
N GLY A 254 5.74 -17.82 8.32
CA GLY A 254 4.84 -18.60 7.50
C GLY A 254 3.39 -18.31 7.82
N THR A 255 2.54 -18.55 6.83
CA THR A 255 1.11 -18.34 6.95
C THR A 255 0.39 -19.53 6.34
N GLN A 256 -0.92 -19.61 6.59
CA GLN A 256 -1.72 -20.67 5.99
C GLN A 256 -1.72 -20.57 4.46
N SER A 257 -1.61 -19.37 3.93
CA SER A 257 -1.57 -19.23 2.48
C SER A 257 -0.29 -19.84 1.91
N VAL A 258 0.84 -19.68 2.62
CA VAL A 258 2.06 -20.32 2.13
C VAL A 258 1.92 -21.82 2.28
N ASP A 259 1.40 -22.28 3.42
CA ASP A 259 1.22 -23.70 3.66
C ASP A 259 0.41 -24.35 2.55
N MET A 260 -0.61 -23.65 2.03
CA MET A 260 -1.41 -24.21 0.94
C MET A 260 -0.60 -24.41 -0.33
N LEU A 261 0.33 -23.49 -0.60
CA LEU A 261 1.24 -23.62 -1.75
C LEU A 261 2.18 -24.81 -1.56
N ALA A 262 2.65 -25.00 -0.33
CA ALA A 262 3.56 -26.12 -0.05
C ALA A 262 2.85 -27.45 -0.27
N VAL A 263 1.60 -27.53 0.16
CA VAL A 263 0.79 -28.74 0.00
C VAL A 263 0.51 -29.03 -1.46
N LYS A 264 0.20 -28.00 -2.25
CA LYS A 264 -0.16 -28.20 -3.64
C LYS A 264 1.05 -28.63 -4.46
N THR A 265 2.22 -28.11 -4.14
CA THR A 265 3.39 -28.39 -4.95
C THR A 265 4.21 -29.55 -4.43
N GLY A 266 3.99 -29.94 -3.18
CA GLY A 266 4.86 -30.94 -2.56
C GLY A 266 6.26 -30.45 -2.28
N VAL A 267 6.49 -29.14 -2.25
CA VAL A 267 7.80 -28.57 -1.96
C VAL A 267 7.73 -27.83 -0.65
N ALA A 268 8.66 -28.15 0.25
CA ALA A 268 8.65 -27.54 1.57
C ALA A 268 9.19 -26.12 1.53
N ILE A 269 8.63 -25.31 2.44
CA ILE A 269 9.11 -23.95 2.66
C ILE A 269 10.61 -23.93 2.83
N GLU A 270 11.15 -24.84 3.66
CA GLU A 270 12.58 -24.83 3.92
C GLU A 270 13.42 -25.15 2.69
N GLN A 271 12.86 -25.86 1.71
CA GLN A 271 13.56 -26.02 0.44
C GLN A 271 13.68 -24.71 -0.32
N LEU A 272 12.64 -23.87 -0.24
CA LEU A 272 12.71 -22.58 -0.94
C LEU A 272 13.50 -21.54 -0.17
N LEU A 273 13.58 -21.65 1.16
CA LEU A 273 14.49 -20.77 1.90
C LEU A 273 15.93 -21.05 1.54
N TYR A 274 16.28 -22.33 1.37
CA TYR A 274 17.62 -22.65 0.87
C TYR A 274 17.82 -22.11 -0.54
N ALA A 275 16.85 -22.34 -1.43
CA ALA A 275 16.94 -21.83 -2.79
C ALA A 275 17.18 -20.33 -2.81
N ILE A 276 16.45 -19.57 -1.98
CA ILE A 276 16.64 -18.12 -1.96
C ILE A 276 18.07 -17.77 -1.61
N GLN A 277 18.63 -18.45 -0.60
CA GLN A 277 19.99 -18.13 -0.18
C GLN A 277 20.97 -18.34 -1.33
N GLN A 278 20.74 -19.36 -2.15
CA GLN A 278 21.60 -19.62 -3.28
C GLN A 278 21.32 -18.66 -4.43
N LEU A 279 20.04 -18.48 -4.75
CA LEU A 279 19.66 -17.53 -5.81
C LEU A 279 20.09 -16.11 -5.51
N TYR A 280 20.09 -15.71 -4.23
CA TYR A 280 20.51 -14.36 -3.89
C TYR A 280 21.91 -14.09 -4.41
N THR A 281 22.79 -15.09 -4.34
CA THR A 281 24.17 -14.93 -4.80
C THR A 281 24.27 -14.96 -6.32
N GLY A 282 23.25 -15.46 -7.02
CA GLY A 282 23.20 -15.37 -8.47
C GLY A 282 22.38 -16.46 -9.13
N PHE A 283 21.74 -16.10 -10.26
CA PHE A 283 20.92 -17.03 -11.03
C PHE A 283 21.75 -17.87 -12.01
N GLN A 284 23.05 -17.59 -12.09
CA GLN A 284 23.97 -18.36 -12.93
C GLN A 284 23.40 -18.52 -14.34
N GLY A 285 23.10 -17.37 -14.94
CA GLY A 285 22.61 -17.33 -16.30
C GLY A 285 21.23 -17.91 -16.55
N LYS A 286 20.55 -18.40 -15.52
CA LYS A 286 19.22 -18.96 -15.71
C LYS A 286 18.15 -17.92 -15.35
N GLN A 287 16.92 -18.23 -15.73
CA GLN A 287 15.78 -17.38 -15.43
C GLN A 287 14.73 -18.17 -14.66
N ILE A 288 13.92 -17.44 -13.91
CA ILE A 288 12.76 -17.97 -13.21
C ILE A 288 11.58 -17.10 -13.61
N LEU A 289 10.57 -17.72 -14.23
CA LEU A 289 9.41 -17.01 -14.76
C LEU A 289 9.83 -15.76 -15.51
N GLY A 290 10.86 -15.91 -16.34
CA GLY A 290 11.36 -14.85 -17.18
C GLY A 290 12.15 -13.76 -16.48
N SER A 291 12.51 -13.96 -15.21
CA SER A 291 13.26 -12.97 -14.45
C SER A 291 14.63 -13.51 -14.08
N THR A 292 15.61 -12.60 -14.01
CA THR A 292 16.95 -12.93 -13.56
C THR A 292 17.20 -12.41 -12.14
N MET A 293 16.17 -11.91 -11.46
CA MET A 293 16.30 -11.54 -10.07
C MET A 293 15.07 -11.98 -9.29
N LEU A 294 15.23 -12.02 -7.98
CA LEU A 294 14.14 -12.41 -7.10
C LEU A 294 13.03 -11.38 -7.18
N GLU A 295 11.79 -11.87 -7.19
CA GLU A 295 10.59 -11.03 -7.28
C GLU A 295 9.86 -11.13 -5.95
N ASP A 296 9.58 -9.98 -5.32
CA ASP A 296 8.88 -9.95 -4.04
C ASP A 296 7.63 -9.09 -4.08
N GLU A 297 7.11 -8.79 -5.29
CA GLU A 297 5.91 -7.96 -5.42
C GLU A 297 4.62 -8.78 -5.55
N PHE A 298 4.69 -10.10 -5.42
CA PHE A 298 3.50 -10.93 -5.40
C PHE A 298 3.38 -11.67 -4.07
N THR A 299 2.18 -11.69 -3.52
CA THR A 299 1.97 -12.31 -2.23
C THR A 299 1.54 -13.77 -2.36
N PRO A 300 1.63 -14.52 -1.26
CA PRO A 300 1.05 -15.88 -1.27
C PRO A 300 -0.41 -15.87 -1.70
N GLU A 301 -1.16 -14.86 -1.25
CA GLU A 301 -2.57 -14.80 -1.60
C GLU A 301 -2.76 -14.52 -3.08
N ASP A 302 -1.90 -13.68 -3.68
CA ASP A 302 -1.96 -13.49 -5.13
C ASP A 302 -1.79 -14.80 -5.86
N VAL A 303 -0.79 -15.59 -5.46
CA VAL A 303 -0.51 -16.83 -6.15
C VAL A 303 -1.66 -17.80 -5.98
N ASN A 304 -2.18 -17.93 -4.76
CA ASN A 304 -3.32 -18.82 -4.53
C ASN A 304 -4.52 -18.41 -5.38
N MET A 305 -4.83 -17.11 -5.42
CA MET A 305 -6.02 -16.66 -6.14
C MET A 305 -5.85 -16.72 -7.66
N GLN A 306 -4.73 -16.23 -8.16
CA GLN A 306 -4.63 -16.08 -9.60
C GLN A 306 -4.30 -17.37 -10.29
N ILE A 307 -3.48 -18.21 -9.67
CA ILE A 307 -3.11 -19.46 -10.30
C ILE A 307 -4.02 -20.60 -9.86
N MET A 308 -4.37 -20.67 -8.58
CA MET A 308 -5.14 -21.81 -8.09
C MET A 308 -6.63 -21.53 -7.95
N GLY A 309 -7.09 -20.29 -8.07
CA GLY A 309 -8.49 -19.99 -7.84
C GLY A 309 -8.94 -19.94 -6.41
N VAL A 310 -8.03 -19.83 -5.44
CA VAL A 310 -8.37 -19.95 -4.02
C VAL A 310 -8.35 -18.58 -3.35
N VAL A 311 -9.51 -18.09 -2.93
CA VAL A 311 -9.60 -16.84 -2.17
C VAL A 311 -9.82 -17.14 -0.69
#